data_1XDD
#
_entry.id   1XDD
#
_cell.length_a   116.700
_cell.length_b   116.700
_cell.length_c   82.800
_cell.angle_alpha   90.00
_cell.angle_beta   90.00
_cell.angle_gamma   90.00
#
_symmetry.space_group_name_H-M   'P 43 21 2'
#
loop_
_entity.id
_entity.type
_entity.pdbx_description
1 polymer 'Integrin alpha-L'
2 non-polymer 'MAGNESIUM ION'
3 non-polymer '8-[2-((2S)-4-HYDROXY-1-{[5-(HYDROXYMETHYL)-6-METHOXY-2-NAPHTHYL]METHYL}-6-OXOPIPERIDIN-2-YL)ETHYL]-3,7-DIMETHYL-1,2,3,7,8,8A-HEXAHYDRONAPHTHALEN-1-YL 2-METHYLBUTANOATE'
4 water water
#
_entity_poly.entity_id   1
_entity_poly.type   'polypeptide(L)'
_entity_poly.pdbx_seq_one_letter_code
;MASKGNVDLVFLFDGSMSLQPDEFQKILDFMKDVMKKLSNTSYQFAAVQFSTSYKTEFDFSDYVKWKDPDALLKHVKHML
LLTNTFGAINYVATEVFREELGARPDATKVLIIITDGEATDSGNIDAAKDIIRYIIGIGKHFQTKESQETLHKFASKPAS
EFVKILDTFEKLKDLFTELQKKIYVIEG
;
_entity_poly.pdbx_strand_id   A,B
#
loop_
_chem_comp.id
_chem_comp.type
_chem_comp.name
_chem_comp.formula
AAY non-polymer '8-[2-((2S)-4-HYDROXY-1-{[5-(HYDROXYMETHYL)-6-METHOXY-2-NAPHTHYL]METHYL}-6-OXOPIPERIDIN-2-YL)ETHYL]-3,7-DIMETHYL-1,2,3,7,8,8A-HEXAHYDRONAPHTHALEN-1-YL 2-METHYLBUTANOATE' 'C37 H49 N O6'
MG non-polymer 'MAGNESIUM ION' 'Mg 2'
#
# COMPACT_ATOMS: atom_id res chain seq x y z
N GLY A 5 -6.00 2.66 -9.48
CA GLY A 5 -6.07 2.09 -10.88
C GLY A 5 -7.24 1.12 -11.00
N ASN A 6 -7.41 0.53 -12.18
CA ASN A 6 -8.48 -0.42 -12.39
C ASN A 6 -8.12 -1.85 -11.89
N VAL A 7 -8.77 -2.31 -10.81
CA VAL A 7 -8.50 -3.67 -10.25
C VAL A 7 -9.77 -4.53 -10.35
N ASP A 8 -9.65 -5.73 -10.94
CA ASP A 8 -10.74 -6.71 -10.97
C ASP A 8 -10.38 -7.72 -9.89
N LEU A 9 -11.12 -7.73 -8.79
CA LEU A 9 -10.79 -8.60 -7.67
C LEU A 9 -11.86 -9.70 -7.54
N VAL A 10 -11.41 -10.93 -7.31
CA VAL A 10 -12.28 -12.07 -7.12
C VAL A 10 -11.99 -12.67 -5.76
N PHE A 11 -13.03 -12.85 -4.95
CA PHE A 11 -12.92 -13.62 -3.72
C PHE A 11 -13.22 -15.09 -4.01
N LEU A 12 -12.33 -15.97 -3.58
CA LEU A 12 -12.52 -17.39 -3.75
C LEU A 12 -12.59 -17.96 -2.38
N PHE A 13 -13.80 -18.32 -1.94
CA PHE A 13 -13.98 -18.75 -0.56
C PHE A 13 -14.46 -20.21 -0.40
N ASP A 14 -13.83 -20.86 0.55
CA ASP A 14 -13.99 -22.22 0.94
C ASP A 14 -15.38 -22.46 1.60
N GLY A 15 -16.11 -23.43 1.05
CA GLY A 15 -17.41 -23.83 1.59
C GLY A 15 -17.35 -25.25 2.07
N SER A 16 -16.18 -25.69 2.54
CA SER A 16 -16.02 -27.07 2.97
C SER A 16 -16.83 -27.44 4.21
N MET A 17 -16.89 -28.75 4.45
CA MET A 17 -17.67 -29.34 5.51
C MET A 17 -17.15 -29.08 6.90
N SER A 18 -15.89 -28.65 6.99
CA SER A 18 -15.30 -28.35 8.27
C SER A 18 -15.85 -27.04 8.86
N LEU A 19 -16.45 -26.17 8.08
CA LEU A 19 -16.86 -24.86 8.59
C LEU A 19 -18.20 -24.94 9.35
N GLN A 20 -18.24 -24.36 10.56
CA GLN A 20 -19.49 -24.17 11.30
C GLN A 20 -20.18 -22.98 10.71
N PRO A 21 -21.50 -22.81 10.93
CA PRO A 21 -22.22 -21.73 10.27
C PRO A 21 -21.75 -20.32 10.62
N ASP A 22 -21.31 -20.12 11.86
CA ASP A 22 -20.84 -18.80 12.28
C ASP A 22 -19.47 -18.46 11.65
N GLU A 23 -18.62 -19.46 11.50
CA GLU A 23 -17.36 -19.35 10.78
C GLU A 23 -17.57 -18.96 9.32
N PHE A 24 -18.51 -19.62 8.66
CA PHE A 24 -18.83 -19.35 7.24
C PHE A 24 -19.33 -17.95 7.09
N GLN A 25 -20.23 -17.56 8.01
CA GLN A 25 -20.76 -16.19 8.02
C GLN A 25 -19.68 -15.11 8.28
N LYS A 26 -18.70 -15.41 9.11
CA LYS A 26 -17.56 -14.49 9.31
C LYS A 26 -16.76 -14.24 8.02
N ILE A 27 -16.56 -15.28 7.20
CA ILE A 27 -15.96 -15.12 5.87
C ILE A 27 -16.81 -14.20 5.02
N LEU A 28 -18.11 -14.42 5.01
CA LEU A 28 -18.99 -13.58 4.20
C LEU A 28 -18.95 -12.12 4.64
N ASP A 29 -18.93 -11.90 5.96
CA ASP A 29 -18.89 -10.53 6.52
C ASP A 29 -17.57 -9.82 6.15
N PHE A 30 -16.46 -10.55 6.16
CA PHE A 30 -15.14 -9.99 5.76
C PHE A 30 -15.21 -9.49 4.34
N MET A 31 -15.86 -10.26 3.47
CA MET A 31 -15.92 -9.87 2.07
C MET A 31 -16.75 -8.63 1.88
N LYS A 32 -17.88 -8.57 2.60
CA LYS A 32 -18.76 -7.40 2.57
C LYS A 32 -18.04 -6.12 3.08
N ASP A 33 -17.25 -6.26 4.15
CA ASP A 33 -16.46 -5.13 4.72
C ASP A 33 -15.45 -4.58 3.72
N VAL A 34 -14.71 -5.50 3.09
CA VAL A 34 -13.76 -5.08 2.05
C VAL A 34 -14.44 -4.37 0.92
N MET A 35 -15.54 -4.91 0.43
CA MET A 35 -16.22 -4.26 -0.65
C MET A 35 -16.82 -2.89 -0.23
N LYS A 36 -17.26 -2.78 1.00
CA LYS A 36 -17.86 -1.52 1.49
C LYS A 36 -16.78 -0.43 1.50
N LYS A 37 -15.69 -0.76 2.18
CA LYS A 37 -14.49 0.03 2.21
C LYS A 37 -14.05 0.57 0.85
N LEU A 38 -14.18 -0.24 -0.21
CA LEU A 38 -13.68 0.13 -1.53
C LEU A 38 -14.77 0.49 -2.50
N SER A 39 -15.98 0.68 -1.99
CA SER A 39 -17.03 1.25 -2.86
C SER A 39 -16.55 2.61 -3.30
N ASN A 40 -16.88 3.02 -4.51
CA ASN A 40 -16.49 4.36 -4.97
C ASN A 40 -15.13 4.42 -5.65
N THR A 41 -14.29 3.39 -5.47
CA THR A 41 -13.03 3.23 -6.23
C THR A 41 -13.35 2.62 -7.56
N SER A 42 -12.37 2.44 -8.42
CA SER A 42 -12.62 1.70 -9.63
C SER A 42 -12.32 0.17 -9.47
N TYR A 43 -12.32 -0.36 -8.24
CA TYR A 43 -12.33 -1.82 -8.02
C TYR A 43 -13.66 -2.35 -8.53
N GLN A 44 -13.61 -3.48 -9.23
CA GLN A 44 -14.77 -4.35 -9.46
C GLN A 44 -14.56 -5.66 -8.70
N PHE A 45 -15.67 -6.29 -8.26
CA PHE A 45 -15.65 -7.55 -7.53
C PHE A 45 -16.46 -8.71 -8.13
N ALA A 46 -15.97 -9.93 -7.89
CA ALA A 46 -16.73 -11.18 -8.08
C ALA A 46 -16.40 -12.08 -6.91
N ALA A 47 -17.28 -13.05 -6.65
CA ALA A 47 -17.10 -13.99 -5.57
C ALA A 47 -17.47 -15.40 -6.08
N VAL A 48 -16.63 -16.37 -5.71
CA VAL A 48 -16.78 -17.75 -6.08
C VAL A 48 -16.68 -18.61 -4.86
N GLN A 49 -17.68 -19.45 -4.62
CA GLN A 49 -17.55 -20.44 -3.58
C GLN A 49 -16.95 -21.71 -4.18
N PHE A 50 -16.05 -22.35 -3.45
CA PHE A 50 -15.54 -23.64 -3.83
C PHE A 50 -15.62 -24.62 -2.69
N SER A 51 -15.93 -25.86 -3.05
CA SER A 51 -15.76 -26.95 -2.17
C SER A 51 -15.28 -28.15 -3.04
N THR A 52 -16.20 -29.07 -3.35
CA THR A 52 -15.91 -30.12 -4.34
C THR A 52 -16.01 -29.51 -5.72
N SER A 53 -17.05 -28.72 -5.93
CA SER A 53 -17.22 -28.02 -7.18
C SER A 53 -17.29 -26.51 -6.90
N TYR A 54 -17.63 -25.74 -7.94
CA TYR A 54 -17.37 -24.31 -7.98
C TYR A 54 -18.66 -23.62 -8.43
N LYS A 55 -18.94 -22.46 -7.83
CA LYS A 55 -20.11 -21.69 -8.14
C LYS A 55 -19.79 -20.21 -8.10
N THR A 56 -20.08 -19.53 -9.17
CA THR A 56 -20.03 -18.11 -9.21
C THR A 56 -21.24 -17.54 -8.51
N GLU A 57 -21.00 -17.00 -7.31
CA GLU A 57 -22.06 -16.41 -6.51
C GLU A 57 -22.48 -15.08 -7.11
N PHE A 58 -21.54 -14.27 -7.59
CA PHE A 58 -21.85 -13.08 -8.38
C PHE A 58 -20.65 -12.74 -9.22
N ASP A 59 -20.88 -12.20 -10.40
CA ASP A 59 -19.80 -11.77 -11.24
C ASP A 59 -19.67 -10.27 -11.36
N PHE A 60 -18.70 -9.81 -12.14
CA PHE A 60 -18.40 -8.38 -12.19
C PHE A 60 -19.60 -7.57 -12.66
N SER A 61 -20.27 -8.03 -13.72
CA SER A 61 -21.47 -7.39 -14.25
C SER A 61 -22.51 -7.26 -13.18
N ASP A 62 -22.71 -8.32 -12.39
CA ASP A 62 -23.64 -8.23 -11.28
C ASP A 62 -23.25 -7.13 -10.29
N TYR A 63 -21.98 -7.04 -9.96
CA TYR A 63 -21.55 -6.05 -8.98
C TYR A 63 -21.83 -4.61 -9.51
N VAL A 64 -21.56 -4.38 -10.77
CA VAL A 64 -21.72 -3.05 -11.33
C VAL A 64 -23.19 -2.58 -11.39
N LYS A 65 -24.14 -3.52 -11.54
CA LYS A 65 -25.58 -3.21 -11.53
C LYS A 65 -26.11 -2.97 -10.13
N TRP A 66 -25.65 -3.77 -9.17
CA TRP A 66 -26.23 -3.79 -7.83
C TRP A 66 -25.44 -3.00 -6.81
N LYS A 67 -24.11 -3.06 -6.90
CA LYS A 67 -23.22 -2.40 -5.95
C LYS A 67 -23.67 -2.48 -4.51
N ASP A 68 -24.18 -3.64 -4.11
CA ASP A 68 -24.60 -3.77 -2.74
C ASP A 68 -24.23 -5.12 -2.19
N PRO A 69 -23.15 -5.16 -1.40
CA PRO A 69 -22.61 -6.39 -0.83
C PRO A 69 -23.63 -7.29 -0.13
N ASP A 70 -24.56 -6.70 0.63
CA ASP A 70 -25.60 -7.48 1.32
C ASP A 70 -26.56 -8.18 0.36
N ALA A 71 -26.97 -7.46 -0.67
CA ALA A 71 -27.84 -8.03 -1.69
C ALA A 71 -27.13 -9.08 -2.52
N LEU A 72 -25.88 -8.82 -2.90
CA LEU A 72 -25.17 -9.73 -3.80
C LEU A 72 -24.92 -11.09 -3.17
N LEU A 73 -24.73 -11.11 -1.86
CA LEU A 73 -24.39 -12.32 -1.12
C LEU A 73 -25.56 -12.95 -0.34
N LYS A 74 -26.79 -12.57 -0.68
CA LYS A 74 -27.95 -12.89 0.15
C LYS A 74 -28.31 -14.37 0.03
N HIS A 75 -28.16 -14.93 -1.17
CA HIS A 75 -28.59 -16.30 -1.44
C HIS A 75 -27.49 -17.35 -1.48
N VAL A 76 -26.37 -17.10 -0.79
CA VAL A 76 -25.28 -18.07 -0.76
C VAL A 76 -25.69 -19.26 0.07
N LYS A 77 -25.57 -20.47 -0.48
CA LYS A 77 -25.77 -21.69 0.29
C LYS A 77 -24.46 -22.37 0.53
N HIS A 78 -24.21 -22.81 1.75
CA HIS A 78 -22.97 -23.43 2.15
C HIS A 78 -22.92 -24.84 1.55
N MET A 79 -21.90 -25.15 0.73
CA MET A 79 -21.83 -26.43 -0.01
C MET A 79 -21.59 -27.67 0.83
N LEU A 80 -20.66 -27.59 1.77
CA LEU A 80 -20.39 -28.57 2.80
C LEU A 80 -19.69 -29.84 2.29
N LEU A 81 -18.76 -29.69 1.33
CA LEU A 81 -18.07 -30.83 0.78
C LEU A 81 -16.56 -30.67 0.93
N LEU A 82 -15.79 -30.91 -0.13
CA LEU A 82 -14.33 -31.05 0.02
C LEU A 82 -13.68 -29.66 -0.19
N THR A 83 -12.38 -29.68 -0.46
CA THR A 83 -11.57 -28.46 -0.65
C THR A 83 -10.69 -28.56 -1.92
N ASN A 84 -11.30 -28.46 -3.08
CA ASN A 84 -10.56 -28.66 -4.35
C ASN A 84 -9.96 -27.36 -4.87
N THR A 85 -8.88 -26.93 -4.23
CA THR A 85 -8.32 -25.59 -4.40
C THR A 85 -7.66 -25.44 -5.76
N PHE A 86 -7.03 -26.52 -6.25
CA PHE A 86 -6.34 -26.42 -7.54
C PHE A 86 -7.33 -26.13 -8.60
N GLY A 87 -8.40 -26.92 -8.63
CA GLY A 87 -9.43 -26.72 -9.66
C GLY A 87 -10.14 -25.40 -9.54
N ALA A 88 -10.38 -24.96 -8.29
CA ALA A 88 -11.03 -23.68 -8.05
C ALA A 88 -10.29 -22.46 -8.60
N ILE A 89 -8.97 -22.47 -8.42
CA ILE A 89 -8.10 -21.40 -8.97
C ILE A 89 -8.17 -21.41 -10.49
N ASN A 90 -8.21 -22.61 -11.08
CA ASN A 90 -8.34 -22.75 -12.54
C ASN A 90 -9.71 -22.32 -13.03
N TYR A 91 -10.76 -22.61 -12.25
CA TYR A 91 -12.10 -22.10 -12.55
C TYR A 91 -12.06 -20.55 -12.62
N VAL A 92 -11.49 -19.90 -11.62
CA VAL A 92 -11.45 -18.42 -11.62
C VAL A 92 -10.74 -17.91 -12.87
N ALA A 93 -9.58 -18.48 -13.16
CA ALA A 93 -8.75 -18.02 -14.24
C ALA A 93 -9.45 -18.21 -15.55
N THR A 94 -10.28 -19.25 -15.72
CA THR A 94 -10.88 -19.52 -17.06
C THR A 94 -12.33 -19.16 -17.20
N GLU A 95 -13.09 -19.14 -16.10
CA GLU A 95 -14.52 -18.89 -16.17
C GLU A 95 -14.96 -17.53 -15.62
N VAL A 96 -14.12 -16.90 -14.81
CA VAL A 96 -14.54 -15.70 -14.09
C VAL A 96 -13.90 -14.48 -14.67
N PHE A 97 -12.60 -14.55 -14.93
CA PHE A 97 -11.90 -13.41 -15.57
C PHE A 97 -12.15 -13.43 -17.07
N ARG A 98 -13.35 -13.00 -17.46
CA ARG A 98 -13.80 -13.04 -18.86
C ARG A 98 -14.58 -11.75 -19.18
N GLU A 99 -14.33 -11.18 -20.35
CA GLU A 99 -14.94 -9.90 -20.74
C GLU A 99 -16.45 -10.00 -20.77
N GLU A 100 -16.94 -11.17 -21.18
CA GLU A 100 -18.38 -11.47 -21.23
C GLU A 100 -19.03 -11.37 -19.89
N LEU A 101 -18.27 -11.54 -18.82
CA LEU A 101 -18.82 -11.44 -17.46
C LEU A 101 -18.54 -10.10 -16.76
N GLY A 102 -18.02 -9.15 -17.51
CA GLY A 102 -17.73 -7.83 -16.97
C GLY A 102 -16.28 -7.58 -16.62
N ALA A 103 -15.38 -8.54 -16.86
CA ALA A 103 -13.97 -8.31 -16.60
C ALA A 103 -13.42 -7.26 -17.57
N ARG A 104 -12.57 -6.37 -17.09
CA ARG A 104 -11.96 -5.32 -17.92
C ARG A 104 -10.58 -5.78 -18.36
N PRO A 105 -10.28 -5.70 -19.66
CA PRO A 105 -8.98 -6.17 -20.17
C PRO A 105 -7.80 -5.30 -19.71
N ASP A 106 -8.05 -4.07 -19.33
CA ASP A 106 -6.98 -3.22 -18.80
C ASP A 106 -6.66 -3.47 -17.31
N ALA A 107 -7.52 -4.19 -16.59
CA ALA A 107 -7.44 -4.21 -15.13
C ALA A 107 -6.32 -5.08 -14.59
N THR A 108 -5.79 -4.72 -13.44
CA THR A 108 -4.94 -5.61 -12.67
C THR A 108 -5.83 -6.73 -12.07
N LYS A 109 -5.35 -7.98 -12.15
CA LYS A 109 -6.14 -9.10 -11.70
C LYS A 109 -5.66 -9.56 -10.34
N VAL A 110 -6.58 -9.56 -9.38
CA VAL A 110 -6.27 -9.95 -8.02
C VAL A 110 -7.25 -11.01 -7.53
N LEU A 111 -6.71 -12.04 -6.90
CA LEU A 111 -7.51 -13.09 -6.35
C LEU A 111 -7.23 -13.22 -4.86
N ILE A 112 -8.27 -13.19 -4.05
CA ILE A 112 -8.13 -13.49 -2.62
C ILE A 112 -8.79 -14.84 -2.27
N ILE A 113 -7.98 -15.75 -1.78
CA ILE A 113 -8.44 -17.08 -1.45
C ILE A 113 -8.57 -17.19 0.03
N ILE A 114 -9.72 -17.64 0.51
CA ILE A 114 -9.97 -17.80 1.95
C ILE A 114 -10.34 -19.28 2.23
N THR A 115 -9.53 -19.97 3.04
CA THR A 115 -9.69 -21.37 3.21
C THR A 115 -9.40 -21.77 4.64
N ASP A 116 -9.97 -22.91 5.06
CA ASP A 116 -9.67 -23.48 6.39
C ASP A 116 -9.09 -24.88 6.33
N GLY A 117 -8.64 -25.31 5.16
CA GLY A 117 -8.03 -26.62 5.01
C GLY A 117 -7.03 -26.71 3.86
N GLU A 118 -6.21 -27.76 3.89
CA GLU A 118 -5.36 -28.15 2.76
C GLU A 118 -6.18 -28.63 1.58
N ALA A 119 -5.62 -28.46 0.39
CA ALA A 119 -6.33 -28.81 -0.82
C ALA A 119 -6.54 -30.34 -0.88
N THR A 120 -7.69 -30.77 -1.41
CA THR A 120 -7.98 -32.19 -1.54
C THR A 120 -7.73 -32.67 -2.95
N ASP A 121 -7.39 -31.78 -3.90
CA ASP A 121 -7.13 -32.21 -5.27
C ASP A 121 -5.64 -32.05 -5.60
N SER A 122 -5.32 -32.14 -6.89
CA SER A 122 -3.94 -32.10 -7.38
C SER A 122 -4.05 -31.34 -8.68
N GLY A 123 -2.96 -30.76 -9.15
CA GLY A 123 -3.01 -30.01 -10.41
C GLY A 123 -1.85 -29.05 -10.53
N ASN A 124 -2.04 -28.04 -11.38
CA ASN A 124 -1.13 -26.93 -11.46
C ASN A 124 -1.94 -25.68 -11.67
N ILE A 125 -1.35 -24.54 -11.38
CA ILE A 125 -2.04 -23.28 -11.55
C ILE A 125 -1.33 -22.33 -12.51
N ASP A 126 -0.68 -22.90 -13.52
CA ASP A 126 -0.09 -22.12 -14.61
C ASP A 126 -1.03 -21.13 -15.25
N ALA A 127 -2.29 -21.51 -15.42
CA ALA A 127 -3.27 -20.65 -16.07
C ALA A 127 -3.55 -19.36 -15.27
N ALA A 128 -3.16 -19.36 -14.00
CA ALA A 128 -3.40 -18.23 -13.09
C ALA A 128 -2.14 -17.38 -12.79
N LYS A 129 -1.04 -17.60 -13.53
CA LYS A 129 0.25 -16.93 -13.23
C LYS A 129 0.23 -15.40 -13.37
N ASP A 130 -0.60 -14.88 -14.27
CA ASP A 130 -0.78 -13.43 -14.41
C ASP A 130 -1.72 -12.79 -13.35
N ILE A 131 -2.14 -13.56 -12.33
CA ILE A 131 -3.06 -13.04 -11.32
C ILE A 131 -2.27 -12.93 -10.03
N ILE A 132 -2.41 -11.78 -9.36
CA ILE A 132 -1.84 -11.61 -8.04
C ILE A 132 -2.73 -12.37 -7.07
N ARG A 133 -2.13 -13.29 -6.31
CA ARG A 133 -2.82 -14.20 -5.44
C ARG A 133 -2.43 -14.08 -3.98
N TYR A 134 -3.41 -13.67 -3.16
CA TYR A 134 -3.36 -13.77 -1.71
C TYR A 134 -4.10 -15.01 -1.23
N ILE A 135 -3.54 -15.68 -0.26
CA ILE A 135 -4.25 -16.72 0.43
C ILE A 135 -4.31 -16.47 1.93
N ILE A 136 -5.52 -16.59 2.48
CA ILE A 136 -5.76 -16.48 3.92
C ILE A 136 -6.19 -17.85 4.43
N GLY A 137 -5.32 -18.48 5.22
CA GLY A 137 -5.56 -19.77 5.85
C GLY A 137 -5.99 -19.51 7.29
N ILE A 138 -7.14 -20.06 7.68
CA ILE A 138 -7.73 -19.81 9.01
C ILE A 138 -7.87 -21.10 9.77
N GLY A 139 -7.48 -21.07 11.04
CA GLY A 139 -7.94 -22.01 12.04
C GLY A 139 -7.02 -23.17 12.33
N LYS A 140 -7.59 -24.19 12.97
CA LYS A 140 -6.80 -25.30 13.54
C LYS A 140 -6.11 -26.20 12.54
N HIS A 141 -6.60 -26.29 11.31
CA HIS A 141 -5.85 -27.06 10.33
C HIS A 141 -4.52 -26.41 9.88
N PHE A 142 -4.21 -25.19 10.34
CA PHE A 142 -2.94 -24.55 10.00
C PHE A 142 -2.08 -24.21 11.23
N GLN A 143 -2.21 -25.00 12.28
CA GLN A 143 -1.37 -24.87 13.48
C GLN A 143 0.09 -25.20 13.18
N THR A 144 0.31 -26.30 12.46
CA THR A 144 1.68 -26.75 12.14
C THR A 144 2.25 -25.97 10.96
N LYS A 145 3.56 -25.84 10.91
CA LYS A 145 4.22 -25.08 9.82
C LYS A 145 4.34 -25.88 8.51
N GLU A 146 4.29 -27.21 8.58
CA GLU A 146 4.13 -28.05 7.38
C GLU A 146 2.88 -27.64 6.62
N SER A 147 1.75 -27.60 7.33
CA SER A 147 0.45 -27.35 6.72
C SER A 147 0.39 -25.92 6.18
N GLN A 148 0.96 -24.96 6.92
CA GLN A 148 1.04 -23.58 6.42
C GLN A 148 1.81 -23.49 5.10
N GLU A 149 2.89 -24.26 5.00
CA GLU A 149 3.74 -24.17 3.85
C GLU A 149 3.07 -24.75 2.61
N THR A 150 2.08 -25.63 2.79
CA THR A 150 1.36 -26.17 1.62
C THR A 150 0.62 -25.06 0.87
N LEU A 151 0.34 -23.94 1.54
CA LEU A 151 -0.36 -22.82 0.92
C LEU A 151 0.53 -21.93 0.07
N HIS A 152 1.85 -22.02 0.26
CA HIS A 152 2.78 -21.15 -0.48
C HIS A 152 2.61 -21.35 -2.00
N LYS A 153 2.38 -22.57 -2.43
CA LYS A 153 2.25 -22.85 -3.87
C LYS A 153 1.09 -22.15 -4.53
N PHE A 154 0.06 -21.78 -3.79
CA PHE A 154 -1.08 -21.08 -4.38
C PHE A 154 -0.84 -19.57 -4.45
N ALA A 155 0.01 -19.01 -3.59
CA ALA A 155 0.12 -17.55 -3.48
C ALA A 155 1.18 -16.96 -4.40
N SER A 156 1.08 -15.67 -4.67
CA SER A 156 2.16 -14.94 -5.30
C SER A 156 3.39 -14.88 -4.36
N LYS A 157 4.54 -14.51 -4.92
CA LYS A 157 5.80 -14.44 -4.14
C LYS A 157 6.15 -13.01 -3.81
N PRO A 158 6.55 -12.71 -2.57
CA PRO A 158 7.00 -13.68 -1.60
C PRO A 158 5.86 -14.01 -0.66
N ALA A 159 5.87 -15.24 -0.12
CA ALA A 159 4.84 -15.71 0.79
C ALA A 159 4.68 -14.84 2.02
N SER A 160 5.73 -14.11 2.35
CA SER A 160 5.72 -13.22 3.50
C SER A 160 4.74 -12.09 3.27
N GLU A 161 4.56 -11.64 2.03
CA GLU A 161 3.47 -10.67 1.78
C GLU A 161 2.06 -11.38 1.58
N PHE A 162 2.06 -12.44 0.75
CA PHE A 162 0.85 -12.96 0.14
C PHE A 162 0.15 -14.10 0.89
N VAL A 163 0.80 -14.73 1.87
CA VAL A 163 0.20 -15.76 2.68
C VAL A 163 -0.09 -15.19 4.07
N LYS A 164 -1.37 -15.15 4.46
CA LYS A 164 -1.77 -14.77 5.82
C LYS A 164 -2.32 -15.96 6.57
N ILE A 165 -1.79 -16.25 7.75
CA ILE A 165 -2.31 -17.30 8.59
C ILE A 165 -2.97 -16.69 9.82
N LEU A 166 -4.25 -17.02 10.04
CA LEU A 166 -5.05 -16.52 11.15
C LEU A 166 -5.39 -17.72 12.02
N ASP A 167 -5.21 -17.60 13.33
CA ASP A 167 -5.45 -18.76 14.19
C ASP A 167 -6.92 -18.95 14.48
N THR A 168 -7.74 -17.92 14.36
CA THR A 168 -9.19 -18.11 14.52
C THR A 168 -9.95 -17.23 13.54
N PHE A 169 -11.24 -17.51 13.37
CA PHE A 169 -12.10 -16.71 12.51
C PHE A 169 -12.40 -15.31 13.04
N GLU A 170 -12.24 -15.13 14.36
CA GLU A 170 -12.42 -13.83 15.00
C GLU A 170 -11.34 -12.85 14.51
N LYS A 171 -10.13 -13.36 14.26
CA LYS A 171 -9.04 -12.53 13.70
C LYS A 171 -9.28 -11.95 12.31
N LEU A 172 -10.32 -12.35 11.59
CA LEU A 172 -10.64 -11.68 10.32
C LEU A 172 -10.98 -10.21 10.54
N LYS A 173 -11.61 -9.90 11.67
CA LYS A 173 -11.87 -8.48 12.04
C LYS A 173 -10.57 -7.70 12.21
N ASP A 174 -9.56 -8.31 12.82
CA ASP A 174 -8.25 -7.70 12.95
C ASP A 174 -7.56 -7.47 11.60
N LEU A 175 -7.63 -8.47 10.72
CA LEU A 175 -7.10 -8.36 9.39
C LEU A 175 -7.79 -7.21 8.68
N PHE A 176 -9.09 -7.07 8.85
CA PHE A 176 -9.77 -5.95 8.21
C PHE A 176 -9.29 -4.56 8.76
N THR A 177 -8.99 -4.51 10.07
CA THR A 177 -8.49 -3.28 10.70
C THR A 177 -7.14 -2.92 10.12
N GLU A 178 -6.30 -3.91 9.86
CA GLU A 178 -5.03 -3.66 9.16
C GLU A 178 -5.23 -3.08 7.74
N LEU A 179 -6.18 -3.65 6.99
CA LEU A 179 -6.55 -3.11 5.67
C LEU A 179 -6.98 -1.65 5.76
N GLN A 180 -7.84 -1.34 6.73
CA GLN A 180 -8.30 0.02 7.00
C GLN A 180 -7.18 0.97 7.30
N LYS A 181 -6.15 0.51 7.99
CA LYS A 181 -4.97 1.34 8.26
C LYS A 181 -4.02 1.54 7.07
N LYS A 182 -3.92 0.55 6.19
CA LYS A 182 -2.91 0.56 5.14
C LYS A 182 -3.41 1.08 3.79
N ILE A 183 -4.70 0.89 3.50
CA ILE A 183 -5.31 1.41 2.27
C ILE A 183 -6.07 2.67 2.59
N TYR A 184 -5.88 3.68 1.76
CA TYR A 184 -6.17 5.06 2.12
C TYR A 184 -6.85 5.62 0.87
N VAL A 185 -8.14 5.95 1.01
CA VAL A 185 -8.97 6.41 -0.08
C VAL A 185 -9.28 7.88 0.16
N ILE A 186 -9.05 8.72 -0.86
CA ILE A 186 -9.12 10.17 -0.70
C ILE A 186 -10.08 10.76 -1.71
N GLY B 5 -8.12 14.15 2.95
CA GLY B 5 -6.85 14.70 2.38
C GLY B 5 -6.47 16.09 2.83
N ASN B 6 -6.79 16.43 4.08
CA ASN B 6 -6.49 17.72 4.66
C ASN B 6 -5.08 17.67 5.29
N VAL B 7 -4.07 17.58 4.42
CA VAL B 7 -2.67 17.29 4.81
C VAL B 7 -1.77 18.36 4.21
N ASP B 8 -0.89 18.93 5.05
CA ASP B 8 0.17 19.84 4.64
C ASP B 8 1.42 19.00 4.65
N LEU B 9 1.97 18.75 3.46
CA LEU B 9 3.11 17.84 3.32
C LEU B 9 4.33 18.61 2.83
N VAL B 10 5.45 18.34 3.48
CA VAL B 10 6.74 18.91 3.16
C VAL B 10 7.73 17.81 2.74
N PHE B 11 8.36 18.02 1.59
CA PHE B 11 9.50 17.19 1.17
C PHE B 11 10.78 17.90 1.65
N LEU B 12 11.60 17.19 2.41
CA LEU B 12 12.89 17.69 2.83
C LEU B 12 13.93 16.83 2.15
N PHE B 13 14.58 17.38 1.12
CA PHE B 13 15.45 16.57 0.31
C PHE B 13 16.93 16.97 0.34
N ASP B 14 17.74 15.94 0.42
CA ASP B 14 19.20 15.97 0.61
C ASP B 14 19.83 16.47 -0.69
N GLY B 15 20.64 17.50 -0.60
CA GLY B 15 21.39 17.98 -1.77
C GLY B 15 22.89 17.87 -1.51
N SER B 16 23.29 16.85 -0.79
CA SER B 16 24.70 16.70 -0.40
C SER B 16 25.60 16.37 -1.60
N MET B 17 26.89 16.55 -1.37
CA MET B 17 27.95 16.31 -2.34
C MET B 17 28.18 14.86 -2.75
N SER B 18 27.58 13.91 -2.04
CA SER B 18 27.66 12.52 -2.44
C SER B 18 26.84 12.21 -3.70
N LEU B 19 25.80 12.99 -3.95
CA LEU B 19 24.84 12.68 -5.02
C LEU B 19 25.38 13.04 -6.40
N GLN B 20 25.34 12.10 -7.33
CA GLN B 20 25.56 12.36 -8.75
C GLN B 20 24.37 13.07 -9.35
N PRO B 21 24.58 13.80 -10.45
CA PRO B 21 23.51 14.57 -11.05
C PRO B 21 22.24 13.79 -11.34
N ASP B 22 22.38 12.56 -11.79
CA ASP B 22 21.22 11.82 -12.19
C ASP B 22 20.48 11.27 -10.96
N GLU B 23 21.19 11.07 -9.85
CA GLU B 23 20.58 10.69 -8.61
C GLU B 23 19.71 11.82 -8.01
N PHE B 24 20.25 13.04 -8.00
CA PHE B 24 19.51 14.23 -7.58
C PHE B 24 18.23 14.42 -8.43
N GLN B 25 18.36 14.24 -9.75
CA GLN B 25 17.22 14.35 -10.63
C GLN B 25 16.13 13.29 -10.33
N LYS B 26 16.49 12.05 -10.02
CA LYS B 26 15.50 11.04 -9.61
C LYS B 26 14.74 11.39 -8.31
N ILE B 27 15.40 12.08 -7.38
CA ILE B 27 14.73 12.59 -6.18
C ILE B 27 13.65 13.60 -6.64
N LEU B 28 14.00 14.52 -7.52
CA LEU B 28 13.07 15.54 -7.97
C LEU B 28 11.88 14.97 -8.72
N ASP B 29 12.15 14.03 -9.61
CA ASP B 29 11.10 13.29 -10.33
C ASP B 29 10.15 12.51 -9.42
N PHE B 30 10.68 11.84 -8.40
CA PHE B 30 9.85 11.23 -7.40
C PHE B 30 8.88 12.24 -6.75
N MET B 31 9.40 13.42 -6.38
CA MET B 31 8.55 14.44 -5.77
C MET B 31 7.46 14.89 -6.73
N LYS B 32 7.84 15.11 -7.98
CA LYS B 32 6.87 15.52 -9.02
C LYS B 32 5.78 14.48 -9.22
N ASP B 33 6.16 13.19 -9.28
CA ASP B 33 5.19 12.12 -9.37
C ASP B 33 4.15 12.10 -8.25
N VAL B 34 4.63 12.20 -7.01
CA VAL B 34 3.75 12.23 -5.87
C VAL B 34 2.81 13.41 -5.94
N MET B 35 3.34 14.59 -6.25
CA MET B 35 2.53 15.79 -6.34
C MET B 35 1.44 15.63 -7.43
N LYS B 36 1.80 15.07 -8.59
CA LYS B 36 0.87 14.88 -9.71
C LYS B 36 -0.29 13.94 -9.36
N LYS B 37 0.04 12.83 -8.77
CA LYS B 37 -0.91 11.88 -8.23
C LYS B 37 -1.94 12.50 -7.26
N LEU B 38 -1.46 13.38 -6.37
CA LEU B 38 -2.32 13.98 -5.35
C LEU B 38 -2.84 15.37 -5.70
N SER B 39 -2.71 15.84 -6.93
CA SER B 39 -3.24 17.14 -7.28
C SER B 39 -4.77 17.02 -7.31
N ASN B 40 -5.51 18.05 -7.10
CA ASN B 40 -6.99 17.77 -7.05
C ASN B 40 -7.41 16.98 -5.79
N THR B 41 -6.53 16.87 -4.80
CA THR B 41 -6.98 16.53 -3.45
C THR B 41 -6.77 17.79 -2.68
N SER B 42 -7.09 17.71 -1.41
CA SER B 42 -6.84 18.78 -0.46
C SER B 42 -5.41 18.80 0.12
N TYR B 43 -4.50 17.97 -0.40
CA TYR B 43 -3.08 18.08 -0.06
C TYR B 43 -2.54 19.42 -0.49
N GLN B 44 -1.70 20.00 0.36
CA GLN B 44 -0.82 21.09 -0.04
C GLN B 44 0.62 20.63 0.15
N PHE B 45 1.53 21.13 -0.70
CA PHE B 45 2.94 20.75 -0.64
C PHE B 45 3.86 21.93 -0.46
N ALA B 46 5.00 21.66 0.15
CA ALA B 46 6.15 22.56 0.19
C ALA B 46 7.39 21.67 0.02
N ALA B 47 8.48 22.25 -0.46
CA ALA B 47 9.72 21.48 -0.62
C ALA B 47 10.90 22.28 -0.12
N VAL B 48 11.73 21.63 0.68
CA VAL B 48 12.94 22.20 1.24
C VAL B 48 14.16 21.37 0.90
N GLN B 49 15.20 22.01 0.34
CA GLN B 49 16.45 21.32 0.03
C GLN B 49 17.38 21.56 1.20
N PHE B 50 18.08 20.53 1.66
CA PHE B 50 19.03 20.74 2.73
C PHE B 50 20.38 20.13 2.40
N SER B 51 21.43 20.80 2.82
CA SER B 51 22.75 20.25 2.75
C SER B 51 23.49 20.77 3.99
N THR B 52 24.37 21.76 3.84
CA THR B 52 24.94 22.46 4.98
C THR B 52 23.90 23.44 5.53
N SER B 53 23.23 24.12 4.62
CA SER B 53 22.14 25.00 4.96
C SER B 53 20.83 24.52 4.33
N TYR B 54 19.78 25.34 4.42
CA TYR B 54 18.37 24.93 4.12
C TYR B 54 17.76 25.99 3.24
N LYS B 55 17.07 25.59 2.18
CA LYS B 55 16.42 26.52 1.31
C LYS B 55 15.02 26.01 1.03
N THR B 56 14.03 26.87 1.25
CA THR B 56 12.66 26.60 0.85
C THR B 56 12.55 26.82 -0.63
N GLU B 57 12.40 25.74 -1.39
CA GLU B 57 12.38 25.84 -2.83
C GLU B 57 11.00 26.33 -3.28
N PHE B 58 9.95 25.88 -2.57
CA PHE B 58 8.62 26.50 -2.73
C PHE B 58 7.83 26.24 -1.46
N ASP B 59 6.99 27.20 -1.08
CA ASP B 59 6.13 27.00 0.07
C ASP B 59 4.69 26.71 -0.32
N PHE B 60 3.83 26.55 0.68
CA PHE B 60 2.46 26.12 0.48
C PHE B 60 1.68 27.13 -0.36
N SER B 61 1.94 28.42 -0.15
CA SER B 61 1.36 29.54 -0.97
C SER B 61 1.72 29.43 -2.42
N ASP B 62 3.02 29.21 -2.69
CA ASP B 62 3.49 28.99 -4.08
C ASP B 62 2.77 27.83 -4.71
N TYR B 63 2.65 26.72 -3.98
CA TYR B 63 1.99 25.53 -4.51
C TYR B 63 0.53 25.81 -4.96
N VAL B 64 -0.22 26.42 -4.07
CA VAL B 64 -1.63 26.77 -4.33
C VAL B 64 -1.71 27.72 -5.53
N LYS B 65 -0.81 28.69 -5.59
CA LYS B 65 -0.81 29.67 -6.66
C LYS B 65 -0.39 29.06 -8.02
N TRP B 66 0.70 28.28 -8.06
CA TRP B 66 1.22 27.76 -9.34
C TRP B 66 0.69 26.40 -9.75
N LYS B 67 0.45 25.53 -8.77
CA LYS B 67 0.00 24.16 -8.95
C LYS B 67 0.89 23.18 -9.78
N ASP B 68 1.78 23.67 -10.62
CA ASP B 68 2.46 22.83 -11.59
C ASP B 68 3.82 22.43 -11.01
N PRO B 69 4.02 21.16 -10.72
CA PRO B 69 5.30 20.68 -10.14
C PRO B 69 6.53 21.05 -10.96
N ASP B 70 6.42 21.08 -12.29
CA ASP B 70 7.53 21.54 -13.13
C ASP B 70 7.83 22.98 -12.93
N ALA B 71 6.80 23.81 -12.87
CA ALA B 71 7.04 25.21 -12.64
C ALA B 71 7.67 25.37 -11.24
N LEU B 72 7.20 24.58 -10.29
CA LEU B 72 7.59 24.82 -8.89
C LEU B 72 9.03 24.41 -8.63
N LEU B 73 9.53 23.39 -9.33
CA LEU B 73 10.87 22.86 -9.12
C LEU B 73 11.91 23.35 -10.18
N LYS B 74 11.52 24.35 -10.96
CA LYS B 74 12.28 24.87 -12.11
C LYS B 74 13.65 25.39 -11.71
N HIS B 75 13.73 26.03 -10.56
CA HIS B 75 14.91 26.82 -10.17
C HIS B 75 15.85 26.12 -9.17
N VAL B 76 15.67 24.82 -8.96
CA VAL B 76 16.41 24.10 -7.95
C VAL B 76 17.85 23.93 -8.44
N LYS B 77 18.82 24.30 -7.63
CA LYS B 77 20.22 24.02 -7.92
C LYS B 77 20.79 23.13 -6.79
N HIS B 78 21.48 22.08 -7.21
CA HIS B 78 22.09 21.10 -6.33
C HIS B 78 23.15 21.80 -5.47
N MET B 79 22.94 21.82 -4.14
CA MET B 79 23.82 22.53 -3.22
C MET B 79 25.25 21.98 -3.15
N LEU B 80 25.42 20.65 -3.12
CA LEU B 80 26.71 19.96 -3.15
C LEU B 80 27.56 20.16 -1.88
N LEU B 81 26.92 20.10 -0.70
CA LEU B 81 27.61 20.30 0.56
C LEU B 81 27.36 19.16 1.53
N LEU B 82 27.19 19.47 2.82
CA LEU B 82 27.13 18.45 3.84
C LEU B 82 25.67 17.99 4.04
N THR B 83 25.39 17.40 5.20
CA THR B 83 24.09 16.76 5.52
C THR B 83 23.63 17.08 6.94
N ASN B 84 23.27 18.35 7.16
CA ASN B 84 22.81 18.82 8.47
C ASN B 84 21.34 18.54 8.71
N THR B 85 21.04 17.28 8.98
CA THR B 85 19.67 16.79 9.08
C THR B 85 18.94 17.31 10.29
N PHE B 86 19.64 17.41 11.44
CA PHE B 86 18.95 17.91 12.67
C PHE B 86 18.49 19.35 12.47
N GLY B 87 19.39 20.19 11.98
CA GLY B 87 19.10 21.62 11.72
C GLY B 87 18.00 21.79 10.66
N ALA B 88 17.98 20.92 9.67
CA ALA B 88 17.01 20.97 8.60
C ALA B 88 15.59 20.63 9.11
N ILE B 89 15.47 19.62 9.94
CA ILE B 89 14.18 19.23 10.54
C ILE B 89 13.64 20.36 11.43
N ASN B 90 14.50 20.93 12.27
CA ASN B 90 14.16 22.12 13.05
C ASN B 90 13.75 23.32 12.20
N TYR B 91 14.46 23.54 11.10
CA TYR B 91 14.10 24.59 10.16
C TYR B 91 12.69 24.37 9.58
N VAL B 92 12.37 23.13 9.16
CA VAL B 92 11.03 22.86 8.66
C VAL B 92 9.96 23.14 9.76
N ALA B 93 10.18 22.61 10.95
CA ALA B 93 9.22 22.74 12.02
C ALA B 93 8.95 24.19 12.38
N THR B 94 9.97 25.04 12.41
CA THR B 94 9.73 26.39 12.91
C THR B 94 9.55 27.41 11.83
N GLU B 95 10.11 27.18 10.65
CA GLU B 95 10.08 28.18 9.60
C GLU B 95 9.20 27.84 8.40
N VAL B 96 8.73 26.62 8.23
CA VAL B 96 7.96 26.27 7.01
C VAL B 96 6.51 26.00 7.33
N PHE B 97 6.25 25.27 8.41
CA PHE B 97 4.86 25.06 8.81
C PHE B 97 4.40 26.34 9.54
N ARG B 98 4.12 27.39 8.77
CA ARG B 98 3.68 28.67 9.29
C ARG B 98 2.53 29.20 8.45
N GLU B 99 1.54 29.80 9.13
CA GLU B 99 0.32 30.26 8.46
C GLU B 99 0.63 31.29 7.46
N GLU B 100 1.62 32.11 7.78
CA GLU B 100 2.06 33.13 6.86
C GLU B 100 2.58 32.59 5.54
N LEU B 101 3.02 31.33 5.53
CA LEU B 101 3.56 30.72 4.33
C LEU B 101 2.53 29.79 3.70
N GLY B 102 1.34 29.77 4.30
CA GLY B 102 0.19 29.11 3.70
C GLY B 102 -0.18 27.83 4.36
N ALA B 103 0.52 27.46 5.42
CA ALA B 103 0.15 26.31 6.22
C ALA B 103 -1.24 26.50 6.81
N ARG B 104 -1.98 25.41 6.91
CA ARG B 104 -3.34 25.37 7.47
C ARG B 104 -3.34 24.82 8.91
N PRO B 105 -3.78 25.63 9.87
CA PRO B 105 -3.78 25.19 11.28
C PRO B 105 -4.56 23.92 11.55
N ASP B 106 -5.57 23.66 10.74
CA ASP B 106 -6.37 22.44 10.85
C ASP B 106 -5.74 21.17 10.24
N ALA B 107 -4.69 21.31 9.42
CA ALA B 107 -4.21 20.19 8.59
C ALA B 107 -3.34 19.22 9.37
N THR B 108 -3.31 17.96 8.95
CA THR B 108 -2.32 17.04 9.44
C THR B 108 -0.95 17.43 8.84
N LYS B 109 0.09 17.53 9.67
CA LYS B 109 1.47 17.78 9.22
C LYS B 109 2.23 16.51 8.90
N VAL B 110 2.78 16.46 7.69
CA VAL B 110 3.61 15.35 7.27
C VAL B 110 4.94 15.84 6.71
N LEU B 111 6.02 15.23 7.15
CA LEU B 111 7.33 15.48 6.64
C LEU B 111 7.86 14.21 5.95
N ILE B 112 8.24 14.32 4.69
CA ILE B 112 8.98 13.27 4.00
C ILE B 112 10.43 13.68 3.77
N ILE B 113 11.34 12.99 4.46
CA ILE B 113 12.78 13.24 4.40
C ILE B 113 13.42 12.22 3.47
N ILE B 114 14.16 12.70 2.49
CA ILE B 114 14.84 11.86 1.52
C ILE B 114 16.36 12.15 1.66
N THR B 115 17.13 11.13 1.97
CA THR B 115 18.56 11.29 2.24
C THR B 115 19.41 10.09 1.80
N ASP B 116 20.67 10.37 1.48
CA ASP B 116 21.61 9.34 1.04
C ASP B 116 22.80 9.19 1.99
N GLY B 117 22.69 9.75 3.20
CA GLY B 117 23.84 9.70 4.12
C GLY B 117 23.45 10.02 5.54
N GLU B 118 24.39 9.81 6.45
CA GLU B 118 24.14 10.07 7.85
C GLU B 118 24.32 11.55 8.07
N ALA B 119 23.68 12.03 9.10
CA ALA B 119 23.72 13.43 9.46
C ALA B 119 25.12 13.87 9.83
N THR B 120 25.51 15.07 9.41
CA THR B 120 26.76 15.63 9.86
C THR B 120 26.59 16.57 11.06
N ASP B 121 25.39 16.68 11.64
CA ASP B 121 25.19 17.46 12.87
C ASP B 121 24.52 16.60 13.94
N SER B 122 24.27 17.17 15.11
CA SER B 122 23.47 16.55 16.18
C SER B 122 22.68 17.65 16.85
N GLY B 123 21.81 17.23 17.76
CA GLY B 123 20.94 18.15 18.44
C GLY B 123 19.68 17.41 18.77
N ASN B 124 18.56 18.05 18.77
CA ASN B 124 17.34 17.30 18.99
C ASN B 124 16.29 17.79 18.04
N ILE B 125 15.23 17.01 17.92
CA ILE B 125 14.14 17.37 17.01
C ILE B 125 12.82 17.47 17.77
N ASP B 126 12.88 17.98 19.00
CA ASP B 126 11.67 18.09 19.85
C ASP B 126 10.61 18.98 19.24
N ALA B 127 11.05 20.06 18.58
CA ALA B 127 10.16 20.95 17.86
C ALA B 127 9.31 20.26 16.78
N ALA B 128 9.68 19.05 16.35
CA ALA B 128 9.00 18.36 15.24
C ALA B 128 8.16 17.18 15.70
N LYS B 129 7.89 17.09 16.99
CA LYS B 129 7.20 15.92 17.57
C LYS B 129 5.76 15.78 17.13
N ASP B 130 5.07 16.87 16.88
CA ASP B 130 3.72 16.82 16.34
C ASP B 130 3.58 16.54 14.79
N ILE B 131 4.66 16.13 14.14
CA ILE B 131 4.68 15.97 12.67
C ILE B 131 4.87 14.49 12.47
N ILE B 132 4.08 13.92 11.58
CA ILE B 132 4.30 12.59 11.09
C ILE B 132 5.52 12.60 10.15
N ARG B 133 6.53 11.78 10.47
CA ARG B 133 7.83 11.82 9.81
C ARG B 133 8.17 10.49 9.18
N TYR B 134 8.34 10.52 7.87
CA TYR B 134 8.88 9.41 7.11
C TYR B 134 10.28 9.75 6.70
N ILE B 135 11.18 8.76 6.73
CA ILE B 135 12.51 8.93 6.17
C ILE B 135 12.78 7.88 5.11
N ILE B 136 13.28 8.34 3.97
CA ILE B 136 13.66 7.46 2.87
C ILE B 136 15.18 7.55 2.73
N GLY B 137 15.87 6.47 3.14
CA GLY B 137 17.33 6.38 3.10
C GLY B 137 17.69 5.59 1.85
N ILE B 138 18.57 6.14 1.03
CA ILE B 138 18.92 5.54 -0.24
C ILE B 138 20.41 5.34 -0.42
N GLY B 139 20.73 4.13 -0.92
CA GLY B 139 21.98 3.91 -1.63
C GLY B 139 22.99 3.24 -0.76
N LYS B 140 24.26 3.30 -1.16
CA LYS B 140 25.27 2.45 -0.56
C LYS B 140 25.61 2.79 0.88
N HIS B 141 25.38 4.03 1.29
CA HIS B 141 25.65 4.39 2.68
C HIS B 141 24.73 3.72 3.70
N PHE B 142 23.67 3.03 3.26
CA PHE B 142 22.76 2.31 4.18
C PHE B 142 22.73 0.80 3.94
N GLN B 143 23.84 0.25 3.40
CA GLN B 143 24.10 -1.20 3.36
C GLN B 143 24.12 -1.81 4.77
N THR B 144 25.05 -1.37 5.61
CA THR B 144 25.16 -1.87 6.99
C THR B 144 23.91 -1.57 7.82
N LYS B 145 23.63 -2.41 8.81
CA LYS B 145 22.41 -2.30 9.61
C LYS B 145 22.55 -1.29 10.78
N GLU B 146 23.80 -0.99 11.14
CA GLU B 146 24.08 0.11 12.08
C GLU B 146 23.74 1.48 11.48
N SER B 147 24.10 1.67 10.21
CA SER B 147 23.83 2.93 9.51
C SER B 147 22.32 3.18 9.38
N GLN B 148 21.57 2.14 9.00
CA GLN B 148 20.10 2.18 8.85
C GLN B 148 19.42 2.63 10.13
N GLU B 149 19.93 2.17 11.26
CA GLU B 149 19.30 2.44 12.54
C GLU B 149 19.59 3.86 13.05
N THR B 150 20.60 4.52 12.50
CA THR B 150 20.81 5.95 12.81
C THR B 150 19.63 6.81 12.26
N LEU B 151 18.90 6.30 11.27
CA LEU B 151 17.75 7.00 10.67
C LEU B 151 16.50 6.96 11.55
N HIS B 152 16.40 5.91 12.38
CA HIS B 152 15.22 5.70 13.24
C HIS B 152 14.90 6.90 14.10
N LYS B 153 15.91 7.59 14.62
CA LYS B 153 15.66 8.75 15.48
C LYS B 153 14.98 9.93 14.77
N PHE B 154 15.03 9.97 13.45
CA PHE B 154 14.33 11.03 12.72
C PHE B 154 12.88 10.72 12.43
N ALA B 155 12.52 9.44 12.29
CA ALA B 155 11.17 9.03 11.89
C ALA B 155 10.20 8.90 13.06
N SER B 156 8.91 8.92 12.75
CA SER B 156 7.89 8.51 13.70
C SER B 156 8.04 7.00 14.04
N LYS B 157 7.22 6.54 14.98
CA LYS B 157 7.27 5.13 15.45
C LYS B 157 6.01 4.46 15.04
N PRO B 158 6.09 3.19 14.61
CA PRO B 158 7.33 2.41 14.61
C PRO B 158 8.15 2.59 13.35
N ALA B 159 9.44 2.40 13.51
CA ALA B 159 10.40 2.40 12.40
C ALA B 159 10.00 1.51 11.24
N SER B 160 9.34 0.39 11.51
CA SER B 160 9.00 -0.54 10.45
C SER B 160 8.00 0.04 9.49
N GLU B 161 7.18 0.99 9.94
CA GLU B 161 6.31 1.72 9.00
C GLU B 161 7.02 2.95 8.33
N PHE B 162 7.78 3.67 9.13
CA PHE B 162 8.15 5.06 8.79
C PHE B 162 9.56 5.24 8.22
N VAL B 163 10.40 4.21 8.35
CA VAL B 163 11.72 4.18 7.73
C VAL B 163 11.70 3.25 6.52
N LYS B 164 11.99 3.80 5.34
CA LYS B 164 12.11 3.03 4.11
C LYS B 164 13.59 3.06 3.69
N ILE B 165 14.20 1.90 3.47
CA ILE B 165 15.57 1.85 2.95
C ILE B 165 15.49 1.34 1.52
N LEU B 166 16.13 2.05 0.60
CA LEU B 166 16.18 1.64 -0.80
C LEU B 166 17.63 1.42 -1.20
N ASP B 167 17.89 0.37 -1.98
CA ASP B 167 19.22 -0.02 -2.47
C ASP B 167 19.84 0.97 -3.36
N THR B 168 19.05 1.45 -4.31
CA THR B 168 19.50 2.38 -5.33
C THR B 168 18.41 3.41 -5.58
N PHE B 169 18.75 4.43 -6.38
CA PHE B 169 17.86 5.51 -6.77
C PHE B 169 16.77 5.08 -7.76
N GLU B 170 17.07 4.06 -8.55
CA GLU B 170 16.06 3.42 -9.42
C GLU B 170 14.86 2.90 -8.63
N LYS B 171 15.05 2.52 -7.38
CA LYS B 171 13.97 1.98 -6.57
C LYS B 171 12.95 3.05 -6.11
N LEU B 172 13.23 4.34 -6.33
CA LEU B 172 12.25 5.38 -6.04
C LEU B 172 11.02 5.17 -6.92
N LYS B 173 11.25 4.67 -8.11
CA LYS B 173 10.17 4.33 -9.02
C LYS B 173 9.28 3.20 -8.46
N ASP B 174 9.90 2.19 -7.86
CA ASP B 174 9.19 1.12 -7.18
C ASP B 174 8.41 1.56 -5.95
N LEU B 175 8.99 2.47 -5.16
CA LEU B 175 8.28 3.02 -4.01
C LEU B 175 7.05 3.80 -4.48
N PHE B 176 7.13 4.48 -5.62
CA PHE B 176 5.98 5.19 -6.14
C PHE B 176 4.88 4.20 -6.62
N THR B 177 5.30 3.13 -7.29
CA THR B 177 4.39 2.04 -7.68
C THR B 177 3.65 1.49 -6.45
N GLU B 178 4.36 1.28 -5.35
CA GLU B 178 3.74 0.82 -4.10
C GLU B 178 2.72 1.81 -3.57
N LEU B 179 3.06 3.09 -3.67
CA LEU B 179 2.13 4.13 -3.29
C LEU B 179 0.83 4.04 -4.08
N GLN B 180 0.96 3.80 -5.38
CA GLN B 180 -0.22 3.71 -6.25
C GLN B 180 -1.13 2.49 -5.93
N LYS B 181 -0.56 1.46 -5.34
CA LYS B 181 -1.30 0.29 -4.86
C LYS B 181 -2.10 0.52 -3.55
N LYS B 182 -1.80 1.59 -2.80
CA LYS B 182 -2.38 1.80 -1.49
C LYS B 182 -3.10 3.11 -1.29
N ILE B 183 -2.96 4.04 -2.22
CA ILE B 183 -3.67 5.29 -2.10
C ILE B 183 -4.49 5.48 -3.34
N TYR B 184 -5.80 5.61 -3.15
CA TYR B 184 -6.77 5.73 -4.23
C TYR B 184 -7.42 7.10 -4.12
N VAL B 185 -7.43 7.83 -5.23
CA VAL B 185 -8.07 9.14 -5.28
C VAL B 185 -9.39 9.04 -6.05
N ILE B 186 -10.50 9.30 -5.36
CA ILE B 186 -11.84 9.25 -5.94
C ILE B 186 -12.06 10.47 -6.80
MG MG C . -12.45 -27.20 5.46
O52 AAY D . -2.57 -7.31 2.42
C51 AAY D . -3.54 -6.59 2.54
C53 AAY D . -3.69 -5.58 3.67
C62 AAY D . -3.44 -6.23 5.03
C55 AAY D . -2.67 -4.45 3.46
C58 AAY D . -2.90 -3.76 2.10
O50 AAY D . -4.58 -6.58 1.71
C26 AAY D . -4.67 -7.64 0.73
C28 AAY D . -5.06 -8.98 1.37
C31 AAY D . -6.46 -8.95 1.99
C46 AAY D . -6.44 -8.63 3.51
C33 AAY D . -7.39 -7.95 1.41
C35 AAY D . -7.11 -7.18 0.36
C24 AAY D . -5.74 -7.19 -0.29
C36 AAY D . -8.10 -6.39 -0.09
C38 AAY D . -7.96 -5.61 -1.17
C40 AAY D . -6.59 -5.32 -1.77
C42 AAY D . -6.52 -6.05 -3.14
C22 AAY D . -5.47 -5.75 -0.83
C19 AAY D . -4.02 -5.65 -1.44
C16 AAY D . -3.78 -4.30 -2.15
C2 AAY D . -2.34 -4.14 -2.74
N1 AAY D . -2.00 -5.13 -3.76
N1 AAY D . -1.99 -5.12 -3.77
C12 AAY D . -0.77 -5.72 -3.80
O13 AAY D . -0.47 -6.51 -4.67
C9 AAY D . 0.29 -5.43 -2.80
C7 AAY D . 0.09 -4.04 -2.18
O14 AAY D . 1.04 -3.83 -1.13
C4 AAY D . -1.33 -4.08 -1.60
C66 AAY D . -2.93 -5.49 -4.81
C66 AAY D . -2.88 -5.47 -4.84
C69 AAY D . -2.86 -4.40 -5.85
C69 AAY D . -2.67 -4.47 -5.94
C92 AAY D . -3.78 -3.35 -5.83
C92 AAY D . -1.62 -4.61 -6.83
C90 AAY D . -3.72 -2.34 -6.78
C90 AAY D . -1.44 -3.68 -7.86
C73 AAY D . -2.73 -2.38 -7.77
C73 AAY D . -2.31 -2.60 -7.98
C74 AAY D . -2.63 -1.39 -8.75
C74 AAY D . -2.14 -1.63 -8.99
C85 AAY D . -3.61 -0.21 -8.82
C85 AAY D . -1.01 -1.68 -10.02
O88 AAY D . -3.50 0.62 -7.66
O88 AAY D . -1.06 -2.83 -10.86
C75 AAY D . -1.61 -1.48 -9.70
C75 AAY D . -3.06 -0.56 -9.05
O80 AAY D . -1.50 -0.51 -10.68
O80 AAY D . -2.95 0.41 -10.03
C81 AAY D . -0.33 0.32 -10.53
C81 AAY D . -2.23 1.58 -9.61
C76 AAY D . -0.69 -2.54 -9.69
C76 AAY D . -4.10 -0.45 -8.12
C78 AAY D . -0.80 -3.52 -8.72
C78 AAY D . -4.24 -1.41 -7.12
C72 AAY D . -1.82 -3.45 -7.76
C72 AAY D . -3.35 -2.47 -7.05
C70 AAY D . -1.87 -4.45 -6.80
C70 AAY D . -3.54 -3.40 -6.04
MG MG E . 25.07 12.48 0.96
O52 AAY F . 4.23 4.82 2.97
C51 AAY F . 3.88 5.23 1.88
C53 AAY F . 3.55 4.36 0.67
C62 AAY F . 4.70 3.41 0.27
C55 AAY F . 2.30 3.57 0.98
C58 AAY F . 1.12 4.54 1.20
O50 AAY F . 3.67 6.53 1.61
C26 AAY F . 4.24 7.50 2.55
C28 AAY F . 5.74 7.73 2.34
C31 AAY F . 6.04 8.30 0.95
C46 AAY F . 6.34 7.15 -0.07
C33 AAY F . 4.95 9.17 0.37
C35 AAY F . 3.81 9.45 1.00
C24 AAY F . 3.47 8.83 2.35
C36 AAY F . 2.97 10.31 0.41
C38 AAY F . 1.78 10.63 0.94
C40 AAY F . 1.24 9.96 2.17
C42 AAY F . 1.37 10.93 3.37
C22 AAY F . 1.96 8.62 2.43
C19 AAY F . 1.55 7.93 3.77
C16 AAY F . 0.00 7.80 3.92
C2 AAY F . -0.52 7.00 5.16
N1 AAY F . -0.12 7.51 6.48
N1 AAY F . -0.10 7.51 6.48
C12 AAY F . 0.34 6.68 7.47
O13 AAY F . 0.81 7.11 8.53
C9 AAY F . 0.32 5.19 7.36
C7 AAY F . -0.52 4.72 6.19
O14 AAY F . -0.19 3.35 6.00
C4 AAY F . -0.17 5.52 4.93
C66 AAY F . -0.22 8.93 6.83
C66 AAY F . -0.15 8.92 6.82
C69 AAY F . -1.67 9.39 6.98
C69 AAY F . -1.57 9.31 7.22
C92 AAY F . -1.94 10.73 6.68
C92 AAY F . -2.50 8.38 7.70
C90 AAY F . -3.22 11.24 6.79
C90 AAY F . -3.78 8.79 8.06
C73 AAY F . -4.28 10.41 7.20
C73 AAY F . -4.14 10.15 7.93
C74 AAY F . -5.59 10.90 7.32
C74 AAY F . -5.42 10.61 8.28
C85 AAY F . -5.93 12.37 6.99
C85 AAY F . -6.51 9.66 8.81
O88 AAY F . -5.78 12.60 5.59
O88 AAY F . -6.10 8.95 9.98
C75 AAY F . -6.63 10.03 7.73
C75 AAY F . -5.72 11.97 8.13
O80 AAY F . -7.95 10.50 7.85
O80 AAY F . -6.98 12.47 8.45
C81 AAY F . -8.51 10.42 9.18
C81 AAY F . -7.74 12.89 7.30
C76 AAY F . -6.33 8.69 8.03
C76 AAY F . -4.76 12.86 7.64
C78 AAY F . -5.03 8.20 7.92
C78 AAY F . -3.49 12.40 7.30
C72 AAY F . -4.00 9.05 7.51
C72 AAY F . -3.19 11.06 7.45
C70 AAY F . -2.70 8.53 7.39
C70 AAY F . -1.90 10.65 7.09
#